data_5E19
#
_entry.id   5E19
#
_cell.length_a   55.370
_cell.length_b   81.998
_cell.length_c   58.479
_cell.angle_alpha   90.000
_cell.angle_beta   110.830
_cell.angle_gamma   90.000
#
_symmetry.space_group_name_H-M   'P 1 21 1'
#
loop_
_entity.id
_entity.type
_entity.pdbx_description
1 polymer 'Estrogen receptor'
2 polymer 'Nuclear receptor coactivator 2'
3 non-polymer 'methyl {4-[bis(4-hydroxyphenyl)methylidene]cyclohexyl}acetate'
4 water water
#
loop_
_entity_poly.entity_id
_entity_poly.type
_entity_poly.pdbx_seq_one_letter_code
_entity_poly.pdbx_strand_id
1 'polypeptide(L)'
;IKRSKKNSLALSLTADQMVSALLDAEPPILYSEYDPTRPFSEASMMGLLTNLADRELVHMINWAKRVPGFVDLTLHDQVH
LLECAWLEILMIGLVWRSMEHPGKLLFAPNLLLDRNQGKCVEGMVEIFDMLLATSSRFRMMNLQGEEFVCLKSIILLNSG
VYTFLSSTLKSLEEKDHIHRVLDKITDTLIHLMAKAGLTLQQQHQRLAQLLLILSHIRHMSNKGMEHLYSMKCKNVVPLS
DLLLEMLDAHRLHAPTS
;
A,B
2 'polypeptide(L)' KHKILHRLLQDSSS C,D
#
# COMPACT_ATOMS: atom_id res chain seq x y z
N SER A 8 -10.31 23.84 12.95
CA SER A 8 -9.92 23.58 11.57
C SER A 8 -11.08 23.84 10.62
N LEU A 9 -10.84 24.70 9.64
CA LEU A 9 -11.88 25.11 8.69
C LEU A 9 -12.36 23.95 7.82
N ALA A 10 -11.45 23.03 7.51
CA ALA A 10 -11.70 21.95 6.56
C ALA A 10 -12.93 21.09 6.90
N LEU A 11 -13.26 21.02 8.19
CA LEU A 11 -14.35 20.16 8.64
C LEU A 11 -15.73 20.78 8.44
N SER A 12 -15.78 22.11 8.35
CA SER A 12 -17.03 22.84 8.15
C SER A 12 -17.49 22.78 6.69
N LEU A 13 -16.53 22.51 5.82
CA LEU A 13 -16.78 22.42 4.38
C LEU A 13 -17.84 21.38 4.06
N THR A 14 -18.68 21.68 3.07
CA THR A 14 -19.62 20.69 2.57
C THR A 14 -18.90 19.78 1.60
N ALA A 15 -19.61 18.77 1.10
CA ALA A 15 -19.03 17.84 0.13
C ALA A 15 -18.67 18.57 -1.16
N ASP A 16 -19.56 19.44 -1.62
CA ASP A 16 -19.34 20.21 -2.83
C ASP A 16 -18.24 21.24 -2.64
N GLN A 17 -18.19 21.83 -1.45
CA GLN A 17 -17.13 22.77 -1.11
C GLN A 17 -15.78 22.07 -1.11
N MET A 18 -15.77 20.83 -0.62
CA MET A 18 -14.57 20.01 -0.60
C MET A 18 -14.10 19.69 -2.01
N VAL A 19 -15.05 19.30 -2.86
CA VAL A 19 -14.75 18.98 -4.26
C VAL A 19 -14.19 20.17 -5.01
N SER A 20 -14.88 21.31 -4.91
CA SER A 20 -14.48 22.52 -5.63
C SER A 20 -13.11 23.01 -5.16
N ALA A 21 -12.83 22.84 -3.87
CA ALA A 21 -11.55 23.26 -3.30
C ALA A 21 -10.41 22.41 -3.85
N LEU A 22 -10.67 21.12 -4.03
CA LEU A 22 -9.65 20.19 -4.53
C LEU A 22 -9.44 20.37 -6.04
N LEU A 23 -10.54 20.54 -6.77
CA LEU A 23 -10.46 20.73 -8.22
C LEU A 23 -9.72 22.02 -8.57
N ASP A 24 -9.98 23.07 -7.81
CA ASP A 24 -9.38 24.38 -8.06
C ASP A 24 -7.90 24.40 -7.67
N ALA A 25 -7.49 23.44 -6.84
CA ALA A 25 -6.13 23.38 -6.35
C ALA A 25 -5.25 22.50 -7.23
N GLU A 26 -5.85 21.89 -8.24
CA GLU A 26 -5.15 20.97 -9.13
C GLU A 26 -3.94 21.62 -9.80
N PRO A 27 -2.78 20.95 -9.71
CA PRO A 27 -1.56 21.42 -10.38
C PRO A 27 -1.71 21.30 -11.88
N PRO A 28 -0.96 22.13 -12.64
CA PRO A 28 -1.03 22.08 -14.09
C PRO A 28 -0.29 20.89 -14.68
N ILE A 29 -0.60 20.55 -15.93
CA ILE A 29 0.11 19.49 -16.63
C ILE A 29 1.35 20.06 -17.29
N LEU A 30 2.51 19.82 -16.70
CA LEU A 30 3.76 20.37 -17.19
C LEU A 30 4.24 19.65 -18.45
N TYR A 31 5.11 20.31 -19.20
CA TYR A 31 5.70 19.73 -20.40
C TYR A 31 7.13 19.25 -20.14
N SER A 32 7.53 18.22 -20.86
CA SER A 32 8.91 17.76 -20.81
C SER A 32 9.79 18.65 -21.70
N GLU A 33 11.10 18.47 -21.59
CA GLU A 33 12.02 19.20 -22.46
C GLU A 33 11.81 18.75 -23.90
N TYR A 34 11.52 19.71 -24.78
CA TYR A 34 11.21 19.41 -26.17
C TYR A 34 12.43 18.92 -26.94
N ASP A 35 12.17 18.19 -28.03
CA ASP A 35 13.10 17.78 -29.10
C ASP A 35 13.64 16.34 -29.03
N PRO A 36 14.58 16.06 -28.10
CA PRO A 36 15.66 15.07 -28.21
C PRO A 36 15.66 14.13 -29.42
N THR A 37 15.96 12.86 -29.13
CA THR A 37 15.97 11.82 -30.15
C THR A 37 14.82 10.86 -29.90
N ARG A 38 13.83 11.34 -29.16
CA ARG A 38 12.82 10.49 -28.54
C ARG A 38 13.57 9.47 -27.70
N PRO A 39 13.83 9.81 -26.42
CA PRO A 39 14.80 9.25 -25.48
C PRO A 39 15.64 8.07 -25.99
N PHE A 40 15.47 6.90 -25.36
CA PHE A 40 16.17 5.65 -25.71
C PHE A 40 17.63 5.60 -25.24
N SER A 41 17.93 6.25 -24.13
CA SER A 41 19.19 6.03 -23.42
C SER A 41 18.90 6.13 -21.93
N GLU A 42 19.72 5.51 -21.09
CA GLU A 42 19.42 5.50 -19.66
C GLU A 42 19.52 6.90 -19.06
N ALA A 43 20.56 7.62 -19.42
CA ALA A 43 20.78 8.97 -18.88
C ALA A 43 19.77 9.96 -19.44
N SER A 44 19.43 9.80 -20.72
CA SER A 44 18.52 10.72 -21.39
C SER A 44 17.10 10.61 -20.83
N MET A 45 16.60 9.39 -20.73
CA MET A 45 15.25 9.20 -20.24
C MET A 45 15.13 9.56 -18.77
N MET A 46 16.05 9.08 -17.95
CA MET A 46 16.03 9.39 -16.53
C MET A 46 16.26 10.88 -16.31
N GLY A 47 16.97 11.51 -17.23
CA GLY A 47 17.21 12.94 -17.17
C GLY A 47 15.92 13.72 -17.38
N LEU A 48 15.17 13.34 -18.41
CA LEU A 48 13.89 13.97 -18.71
C LEU A 48 12.88 13.76 -17.61
N LEU A 49 12.84 12.55 -17.05
CA LEU A 49 11.90 12.22 -15.99
C LEU A 49 12.24 12.98 -14.71
N THR A 50 13.53 13.04 -14.38
CA THR A 50 14.00 13.75 -13.19
C THR A 50 13.70 15.24 -13.30
N ASN A 51 13.96 15.81 -14.48
CA ASN A 51 13.68 17.23 -14.71
C ASN A 51 12.20 17.53 -14.57
N LEU A 52 11.37 16.66 -15.17
CA LEU A 52 9.92 16.81 -15.10
C LEU A 52 9.42 16.70 -13.66
N ALA A 53 9.91 15.68 -12.95
CA ALA A 53 9.50 15.44 -11.58
C ALA A 53 9.89 16.58 -10.66
N ASP A 54 11.07 17.15 -10.88
CA ASP A 54 11.57 18.23 -10.04
C ASP A 54 10.71 19.47 -10.17
N ARG A 55 10.26 19.76 -11.38
CA ARG A 55 9.39 20.91 -11.62
C ARG A 55 7.97 20.63 -11.09
N GLU A 56 7.55 19.38 -11.19
CA GLU A 56 6.25 18.96 -10.67
C GLU A 56 6.16 19.05 -9.15
N LEU A 57 7.29 18.83 -8.48
CA LEU A 57 7.35 18.87 -7.02
C LEU A 57 7.01 20.26 -6.49
N VAL A 58 7.46 21.29 -7.20
CA VAL A 58 7.21 22.67 -6.80
C VAL A 58 5.71 22.97 -6.82
N HIS A 59 5.02 22.45 -7.82
CA HIS A 59 3.57 22.62 -7.92
C HIS A 59 2.83 21.77 -6.90
N MET A 60 3.38 20.60 -6.59
CA MET A 60 2.76 19.70 -5.62
C MET A 60 2.74 20.33 -4.23
N ILE A 61 3.86 20.93 -3.85
CA ILE A 61 3.99 21.60 -2.56
C ILE A 61 2.94 22.70 -2.38
N ASN A 62 2.70 23.46 -3.44
CA ASN A 62 1.68 24.50 -3.41
C ASN A 62 0.27 23.92 -3.52
N TRP A 63 0.15 22.75 -4.14
CA TRP A 63 -1.12 22.04 -4.20
C TRP A 63 -1.47 21.49 -2.82
N ALA A 64 -0.46 20.96 -2.13
CA ALA A 64 -0.64 20.38 -0.81
C ALA A 64 -1.14 21.43 0.18
N LYS A 65 -0.56 22.62 0.10
CA LYS A 65 -0.93 23.73 0.97
C LYS A 65 -2.39 24.15 0.78
N ARG A 66 -2.97 23.80 -0.36
CA ARG A 66 -4.35 24.14 -0.66
C ARG A 66 -5.30 22.99 -0.37
N VAL A 67 -4.75 21.83 -0.01
CA VAL A 67 -5.56 20.70 0.42
C VAL A 67 -6.12 20.98 1.83
N PRO A 68 -7.45 21.03 1.95
CA PRO A 68 -8.14 21.39 3.20
C PRO A 68 -7.67 20.59 4.41
N GLY A 69 -7.03 21.27 5.35
CA GLY A 69 -6.55 20.65 6.57
C GLY A 69 -5.05 20.54 6.65
N PHE A 70 -4.39 20.62 5.50
CA PHE A 70 -2.93 20.49 5.43
C PHE A 70 -2.23 21.68 6.06
N VAL A 71 -2.84 22.85 5.97
CA VAL A 71 -2.26 24.07 6.53
C VAL A 71 -2.37 24.06 8.06
N ASP A 72 -3.31 23.28 8.58
CA ASP A 72 -3.55 23.21 10.01
C ASP A 72 -2.48 22.40 10.73
N LEU A 73 -1.76 21.58 9.96
CA LEU A 73 -0.71 20.74 10.53
C LEU A 73 0.55 21.53 10.83
N THR A 74 1.36 20.99 11.74
CA THR A 74 2.68 21.56 12.01
C THR A 74 3.52 21.52 10.74
N LEU A 75 4.38 22.51 10.55
CA LEU A 75 5.25 22.57 9.38
C LEU A 75 6.05 21.28 9.23
N HIS A 76 6.61 20.79 10.34
CA HIS A 76 7.36 19.55 10.33
C HIS A 76 6.48 18.36 9.95
N ASP A 77 5.22 18.41 10.37
CA ASP A 77 4.25 17.37 9.99
C ASP A 77 3.92 17.46 8.51
N GLN A 78 3.87 18.69 8.00
CA GLN A 78 3.65 18.91 6.57
C GLN A 78 4.81 18.34 5.77
N VAL A 79 6.03 18.56 6.28
CA VAL A 79 7.24 18.04 5.64
C VAL A 79 7.21 16.51 5.59
N HIS A 80 6.83 15.90 6.70
CA HIS A 80 6.80 14.44 6.81
C HIS A 80 5.84 13.81 5.81
N LEU A 81 4.62 14.35 5.72
CA LEU A 81 3.62 13.82 4.81
C LEU A 81 4.05 13.93 3.34
N LEU A 82 4.64 15.07 2.99
CA LEU A 82 5.10 15.28 1.61
C LEU A 82 6.29 14.40 1.28
N GLU A 83 7.27 14.34 2.18
CA GLU A 83 8.44 13.50 2.01
C GLU A 83 8.06 12.03 1.87
N CYS A 84 6.95 11.67 2.51
CA CYS A 84 6.50 10.29 2.55
C CYS A 84 5.69 9.89 1.32
N ALA A 85 4.98 10.86 0.75
CA ALA A 85 3.98 10.54 -0.27
C ALA A 85 4.26 11.13 -1.66
N TRP A 86 5.37 11.84 -1.82
CA TRP A 86 5.59 12.63 -3.04
C TRP A 86 5.62 11.77 -4.31
N LEU A 87 6.23 10.58 -4.24
CA LEU A 87 6.30 9.72 -5.41
C LEU A 87 4.96 9.05 -5.68
N GLU A 88 4.20 8.78 -4.63
CA GLU A 88 2.85 8.24 -4.78
C GLU A 88 1.96 9.23 -5.50
N ILE A 89 2.08 10.50 -5.13
CA ILE A 89 1.28 11.57 -5.70
C ILE A 89 1.65 11.78 -7.17
N LEU A 90 2.95 11.75 -7.47
CA LEU A 90 3.42 11.85 -8.84
C LEU A 90 2.88 10.71 -9.70
N MET A 91 2.90 9.50 -9.14
CA MET A 91 2.49 8.31 -9.87
C MET A 91 0.98 8.28 -10.15
N ILE A 92 0.17 8.62 -9.16
CA ILE A 92 -1.27 8.61 -9.36
C ILE A 92 -1.68 9.72 -10.33
N GLY A 93 -0.87 10.76 -10.43
CA GLY A 93 -1.09 11.82 -11.40
C GLY A 93 -0.77 11.33 -12.80
N LEU A 94 0.39 10.69 -12.94
CA LEU A 94 0.81 10.09 -14.21
C LEU A 94 -0.18 9.04 -14.68
N VAL A 95 -0.63 8.21 -13.75
CA VAL A 95 -1.62 7.18 -14.04
C VAL A 95 -2.94 7.81 -14.49
N TRP A 96 -3.31 8.91 -13.83
CA TRP A 96 -4.53 9.63 -14.18
C TRP A 96 -4.47 10.24 -15.58
N ARG A 97 -3.33 10.84 -15.91
CA ARG A 97 -3.15 11.44 -17.23
C ARG A 97 -3.12 10.38 -18.32
N SER A 98 -2.64 9.19 -17.96
CA SER A 98 -2.45 8.12 -18.94
C SER A 98 -3.73 7.32 -19.18
N MET A 99 -4.82 7.72 -18.51
CA MET A 99 -6.10 7.02 -18.62
C MET A 99 -6.59 6.93 -20.06
N GLU A 100 -6.71 8.07 -20.72
CA GLU A 100 -7.26 8.09 -22.08
C GLU A 100 -6.23 7.68 -23.13
N HIS A 101 -5.11 7.12 -22.68
CA HIS A 101 -4.09 6.61 -23.58
C HIS A 101 -3.68 5.19 -23.21
N PRO A 102 -4.49 4.19 -23.61
CA PRO A 102 -4.26 2.78 -23.29
C PRO A 102 -2.90 2.28 -23.77
N GLY A 103 -2.20 1.56 -22.91
CA GLY A 103 -0.89 1.03 -23.24
C GLY A 103 0.20 2.07 -23.25
N LYS A 104 -0.15 3.29 -22.89
CA LYS A 104 0.79 4.40 -22.89
C LYS A 104 0.86 5.12 -21.55
N LEU A 105 2.02 5.70 -21.25
CA LEU A 105 2.18 6.50 -20.05
C LEU A 105 2.44 7.96 -20.40
N LEU A 106 1.46 8.81 -20.13
CA LEU A 106 1.58 10.23 -20.43
C LEU A 106 2.29 10.97 -19.30
N PHE A 107 3.62 10.96 -19.34
CA PHE A 107 4.41 11.73 -18.39
C PHE A 107 4.20 13.21 -18.63
N ALA A 108 4.26 13.59 -19.89
CA ALA A 108 3.97 14.95 -20.32
C ALA A 108 3.22 14.85 -21.65
N PRO A 109 2.49 15.92 -22.03
CA PRO A 109 1.79 15.91 -23.32
C PRO A 109 2.73 15.66 -24.50
N ASN A 110 3.99 16.05 -24.36
CA ASN A 110 4.99 15.81 -25.40
C ASN A 110 5.92 14.66 -25.02
N LEU A 111 5.52 13.87 -24.04
CA LEU A 111 6.30 12.71 -23.62
C LEU A 111 5.38 11.52 -23.32
N LEU A 112 5.10 10.75 -24.37
CA LEU A 112 4.20 9.61 -24.26
C LEU A 112 4.97 8.31 -24.43
N LEU A 113 5.06 7.51 -23.36
CA LEU A 113 5.91 6.32 -23.38
C LEU A 113 5.12 5.02 -23.31
N ASP A 114 5.66 3.98 -23.94
CA ASP A 114 5.14 2.62 -23.78
C ASP A 114 6.19 1.76 -23.10
N ARG A 115 5.84 0.50 -22.80
CA ARG A 115 6.72 -0.38 -22.04
C ARG A 115 8.02 -0.73 -22.78
N ASN A 116 7.98 -0.65 -24.10
CA ASN A 116 9.17 -0.92 -24.91
C ASN A 116 10.25 0.14 -24.73
N GLN A 117 9.82 1.36 -24.45
CA GLN A 117 10.75 2.47 -24.25
C GLN A 117 11.31 2.47 -22.83
N GLY A 118 10.87 1.52 -22.02
CA GLY A 118 11.35 1.39 -20.65
C GLY A 118 12.52 0.44 -20.53
N LYS A 119 12.85 -0.22 -21.64
CA LYS A 119 13.93 -1.20 -21.66
C LYS A 119 15.31 -0.53 -21.54
N CYS A 120 15.32 0.80 -21.62
CA CYS A 120 16.55 1.56 -21.50
C CYS A 120 17.10 1.48 -20.08
N VAL A 121 16.20 1.50 -19.11
CA VAL A 121 16.58 1.45 -17.71
C VAL A 121 16.17 0.11 -17.09
N GLU A 122 17.10 -0.50 -16.34
CA GLU A 122 16.84 -1.77 -15.69
C GLU A 122 15.75 -1.64 -14.62
N GLY A 123 14.71 -2.46 -14.75
CA GLY A 123 13.62 -2.47 -13.79
C GLY A 123 12.51 -1.50 -14.11
N MET A 124 12.65 -0.76 -15.21
CA MET A 124 11.66 0.24 -15.59
C MET A 124 10.44 -0.40 -16.25
N VAL A 125 10.65 -1.45 -17.03
CA VAL A 125 9.56 -2.16 -17.68
C VAL A 125 8.60 -2.73 -16.64
N GLU A 126 9.14 -3.25 -15.54
CA GLU A 126 8.33 -3.78 -14.45
C GLU A 126 7.43 -2.70 -13.86
N ILE A 127 8.02 -1.55 -13.56
CA ILE A 127 7.28 -0.44 -12.98
C ILE A 127 6.28 0.12 -13.99
N PHE A 128 6.70 0.22 -15.25
CA PHE A 128 5.83 0.69 -16.32
C PHE A 128 4.57 -0.18 -16.43
N ASP A 129 4.77 -1.50 -16.39
CA ASP A 129 3.66 -2.44 -16.48
C ASP A 129 2.68 -2.26 -15.33
N MET A 130 3.19 -1.99 -14.14
CA MET A 130 2.34 -1.76 -12.98
C MET A 130 1.57 -0.45 -13.10
N LEU A 131 2.24 0.58 -13.63
CA LEU A 131 1.62 1.87 -13.84
C LEU A 131 0.52 1.77 -14.91
N LEU A 132 0.84 1.10 -16.01
CA LEU A 132 -0.12 0.86 -17.08
C LEU A 132 -1.32 0.05 -16.57
N ALA A 133 -1.06 -0.90 -15.69
CA ALA A 133 -2.11 -1.72 -15.10
C ALA A 133 -3.05 -0.89 -14.24
N THR A 134 -2.47 0.05 -13.49
CA THR A 134 -3.24 0.95 -12.64
C THR A 134 -4.11 1.87 -13.50
N SER A 135 -3.52 2.41 -14.56
CA SER A 135 -4.25 3.28 -15.48
C SER A 135 -5.39 2.54 -16.16
N SER A 136 -5.14 1.29 -16.54
CA SER A 136 -6.16 0.45 -17.15
C SER A 136 -7.26 0.15 -16.13
N ARG A 137 -6.87 0.01 -14.88
CA ARG A 137 -7.82 -0.20 -13.79
C ARG A 137 -8.69 1.03 -13.60
N PHE A 138 -8.07 2.21 -13.65
CA PHE A 138 -8.81 3.47 -13.56
C PHE A 138 -9.79 3.63 -14.71
N ARG A 139 -9.36 3.20 -15.90
CA ARG A 139 -10.18 3.36 -17.09
CA ARG A 139 -10.15 3.31 -17.11
C ARG A 139 -11.42 2.46 -17.03
N MET A 140 -11.24 1.19 -16.70
CA MET A 140 -12.34 0.25 -16.62
C MET A 140 -13.32 0.62 -15.50
N MET A 141 -12.81 1.29 -14.48
CA MET A 141 -13.65 1.78 -13.39
C MET A 141 -14.32 3.10 -13.76
N ASN A 142 -13.85 3.69 -14.86
CA ASN A 142 -14.30 5.01 -15.29
C ASN A 142 -14.13 6.04 -14.17
N LEU A 143 -12.92 6.14 -13.66
CA LEU A 143 -12.58 7.07 -12.59
C LEU A 143 -12.85 8.51 -13.02
N GLN A 144 -13.54 9.26 -12.16
CA GLN A 144 -13.83 10.66 -12.44
C GLN A 144 -12.82 11.58 -11.77
N GLY A 145 -12.67 12.78 -12.31
CA GLY A 145 -11.73 13.75 -11.78
C GLY A 145 -12.00 14.11 -10.33
N GLU A 146 -13.28 14.23 -9.99
CA GLU A 146 -13.70 14.53 -8.63
C GLU A 146 -13.25 13.43 -7.67
N GLU A 147 -13.26 12.19 -8.16
CA GLU A 147 -12.80 11.05 -7.38
C GLU A 147 -11.28 11.03 -7.29
N PHE A 148 -10.63 11.41 -8.39
CA PHE A 148 -9.18 11.41 -8.47
C PHE A 148 -8.54 12.38 -7.47
N VAL A 149 -9.07 13.59 -7.38
CA VAL A 149 -8.51 14.59 -6.49
C VAL A 149 -8.73 14.22 -5.02
N CYS A 150 -9.77 13.44 -4.76
CA CYS A 150 -10.01 12.93 -3.41
C CYS A 150 -8.98 11.85 -3.06
N LEU A 151 -8.74 10.95 -4.01
CA LEU A 151 -7.76 9.89 -3.83
C LEU A 151 -6.36 10.44 -3.61
N LYS A 152 -6.00 11.48 -4.37
CA LYS A 152 -4.67 12.07 -4.28
C LYS A 152 -4.48 12.79 -2.95
N SER A 153 -5.54 13.43 -2.46
CA SER A 153 -5.50 14.09 -1.17
C SER A 153 -5.42 13.07 -0.04
N ILE A 154 -6.11 11.95 -0.22
CA ILE A 154 -6.08 10.86 0.75
C ILE A 154 -4.65 10.33 0.88
N ILE A 155 -3.99 10.10 -0.25
CA ILE A 155 -2.61 9.65 -0.28
C ILE A 155 -1.71 10.59 0.52
N LEU A 156 -1.86 11.89 0.29
CA LEU A 156 -1.08 12.91 0.96
C LEU A 156 -1.18 12.82 2.49
N LEU A 157 -2.41 12.67 2.98
CA LEU A 157 -2.66 12.73 4.41
C LEU A 157 -2.47 11.38 5.10
N ASN A 158 -2.61 10.30 4.34
CA ASN A 158 -2.61 8.96 4.93
C ASN A 158 -1.23 8.28 4.93
N SER A 159 -0.46 8.50 3.87
CA SER A 159 0.77 7.72 3.67
C SER A 159 1.78 7.84 4.81
N GLY A 160 1.81 8.99 5.48
CA GLY A 160 2.81 9.21 6.51
C GLY A 160 2.27 9.44 7.91
N VAL A 161 1.00 9.11 8.13
CA VAL A 161 0.36 9.37 9.41
C VAL A 161 0.86 8.43 10.52
N TYR A 162 1.33 7.24 10.15
CA TYR A 162 1.83 6.30 11.16
C TYR A 162 3.35 6.28 11.27
N THR A 163 4.01 7.36 10.86
CA THR A 163 5.46 7.41 10.92
C THR A 163 6.01 8.74 11.42
N LYS A 175 -2.68 13.02 15.93
CA LYS A 175 -3.07 12.50 14.62
C LYS A 175 -4.59 12.47 14.48
N ASP A 176 -5.28 12.96 15.49
CA ASP A 176 -6.74 13.00 15.49
C ASP A 176 -7.27 13.89 14.37
N HIS A 177 -6.54 14.97 14.08
CA HIS A 177 -6.94 15.92 13.05
C HIS A 177 -6.92 15.28 11.65
N ILE A 178 -5.83 14.61 11.32
CA ILE A 178 -5.67 13.97 10.03
C ILE A 178 -6.76 12.94 9.75
N HIS A 179 -7.03 12.09 10.73
CA HIS A 179 -8.05 11.06 10.59
C HIS A 179 -9.44 11.68 10.43
N ARG A 180 -9.66 12.81 11.11
CA ARG A 180 -10.92 13.52 10.98
C ARG A 180 -11.10 14.04 9.55
N VAL A 181 -10.00 14.53 8.98
CA VAL A 181 -10.01 15.04 7.61
C VAL A 181 -10.14 13.88 6.63
N LEU A 182 -9.53 12.75 6.96
CA LEU A 182 -9.63 11.55 6.12
C LEU A 182 -11.07 11.04 6.05
N ASP A 183 -11.76 11.09 7.18
CA ASP A 183 -13.17 10.72 7.21
C ASP A 183 -14.00 11.71 6.38
N LYS A 184 -13.57 12.96 6.38
CA LYS A 184 -14.26 14.01 5.63
C LYS A 184 -14.18 13.74 4.13
N ILE A 185 -13.01 13.31 3.67
CA ILE A 185 -12.82 13.00 2.26
C ILE A 185 -13.60 11.74 1.87
N THR A 186 -13.70 10.80 2.82
CA THR A 186 -14.50 9.61 2.61
C THR A 186 -15.96 9.97 2.41
N ASP A 187 -16.46 10.88 3.24
CA ASP A 187 -17.82 11.39 3.10
C ASP A 187 -18.01 12.01 1.72
N THR A 188 -16.98 12.72 1.25
CA THR A 188 -17.03 13.38 -0.05
C THR A 188 -17.09 12.37 -1.19
N LEU A 189 -16.28 11.32 -1.10
CA LEU A 189 -16.28 10.27 -2.10
C LEU A 189 -17.64 9.59 -2.22
N ILE A 190 -18.23 9.25 -1.08
CA ILE A 190 -19.55 8.65 -1.04
C ILE A 190 -20.59 9.59 -1.66
N HIS A 191 -20.48 10.87 -1.32
CA HIS A 191 -21.40 11.89 -1.85
C HIS A 191 -21.30 11.99 -3.37
N LEU A 192 -20.08 11.83 -3.89
CA LEU A 192 -19.86 11.86 -5.34
C LEU A 192 -20.52 10.68 -6.03
N MET A 193 -20.42 9.51 -5.39
CA MET A 193 -20.97 8.28 -5.96
C MET A 193 -22.50 8.25 -5.86
N ALA A 194 -23.03 8.85 -4.79
CA ALA A 194 -24.47 8.91 -4.60
C ALA A 194 -25.12 9.79 -5.67
N LYS A 195 -24.40 10.83 -6.09
CA LYS A 195 -24.88 11.73 -7.12
C LYS A 195 -24.82 11.08 -8.50
N ALA A 196 -23.90 10.13 -8.66
CA ALA A 196 -23.72 9.45 -9.93
C ALA A 196 -24.75 8.35 -10.14
N GLY A 197 -25.68 8.21 -9.19
CA GLY A 197 -26.77 7.26 -9.31
C GLY A 197 -26.42 5.87 -8.82
N LEU A 198 -25.27 5.75 -8.14
CA LEU A 198 -24.86 4.47 -7.59
C LEU A 198 -25.72 4.06 -6.41
N THR A 199 -26.04 2.77 -6.33
CA THR A 199 -26.80 2.24 -5.21
C THR A 199 -25.93 2.17 -3.96
N LEU A 200 -26.55 1.91 -2.82
CA LEU A 200 -25.83 1.82 -1.55
C LEU A 200 -24.76 0.73 -1.58
N GLN A 201 -25.06 -0.37 -2.26
CA GLN A 201 -24.09 -1.45 -2.40
C GLN A 201 -22.96 -1.03 -3.34
N GLN A 202 -23.33 -0.38 -4.44
CA GLN A 202 -22.35 0.08 -5.42
C GLN A 202 -21.43 1.15 -4.84
N GLN A 203 -21.92 1.87 -3.83
CA GLN A 203 -21.15 2.93 -3.22
C GLN A 203 -19.99 2.41 -2.38
N HIS A 204 -20.26 1.48 -1.48
CA HIS A 204 -19.20 0.97 -0.60
C HIS A 204 -18.26 0.04 -1.37
N GLN A 205 -18.77 -0.59 -2.42
CA GLN A 205 -17.95 -1.46 -3.25
C GLN A 205 -16.92 -0.65 -4.03
N ARG A 206 -17.37 0.41 -4.67
CA ARG A 206 -16.49 1.27 -5.44
C ARG A 206 -15.48 1.97 -4.53
N LEU A 207 -15.95 2.42 -3.36
CA LEU A 207 -15.08 3.03 -2.37
C LEU A 207 -13.93 2.10 -2.00
N ALA A 208 -14.27 0.84 -1.76
CA ALA A 208 -13.28 -0.18 -1.43
C ALA A 208 -12.33 -0.41 -2.59
N GLN A 209 -12.87 -0.51 -3.79
CA GLN A 209 -12.07 -0.73 -5.00
C GLN A 209 -11.04 0.37 -5.19
N LEU A 210 -11.46 1.61 -4.96
CA LEU A 210 -10.57 2.76 -5.14
C LEU A 210 -9.43 2.77 -4.13
N LEU A 211 -9.77 2.49 -2.88
CA LEU A 211 -8.79 2.56 -1.79
C LEU A 211 -7.81 1.39 -1.81
N LEU A 212 -8.24 0.26 -2.35
CA LEU A 212 -7.36 -0.91 -2.48
C LEU A 212 -6.26 -0.64 -3.50
N ILE A 213 -6.59 0.17 -4.51
CA ILE A 213 -5.62 0.56 -5.52
C ILE A 213 -4.49 1.38 -4.89
N LEU A 214 -4.81 2.09 -3.81
CA LEU A 214 -3.81 2.88 -3.10
C LEU A 214 -2.72 2.01 -2.49
N SER A 215 -3.06 0.77 -2.17
CA SER A 215 -2.07 -0.17 -1.66
C SER A 215 -1.05 -0.50 -2.75
N HIS A 216 -1.51 -0.50 -3.99
CA HIS A 216 -0.63 -0.80 -5.11
CA HIS A 216 -0.65 -0.80 -5.14
C HIS A 216 0.18 0.42 -5.52
N ILE A 217 -0.41 1.60 -5.39
CA ILE A 217 0.30 2.85 -5.64
C ILE A 217 1.45 2.97 -4.64
N ARG A 218 1.19 2.57 -3.41
CA ARG A 218 2.22 2.49 -2.38
C ARG A 218 3.33 1.53 -2.79
N HIS A 219 2.93 0.35 -3.28
CA HIS A 219 3.87 -0.68 -3.71
C HIS A 219 4.76 -0.17 -4.85
N MET A 220 4.14 0.47 -5.84
CA MET A 220 4.88 1.02 -6.97
C MET A 220 5.86 2.10 -6.51
N SER A 221 5.44 2.92 -5.56
CA SER A 221 6.28 3.98 -5.02
C SER A 221 7.49 3.43 -4.29
N ASN A 222 7.26 2.40 -3.46
CA ASN A 222 8.34 1.74 -2.75
C ASN A 222 9.35 1.12 -3.71
N LYS A 223 8.85 0.38 -4.68
CA LYS A 223 9.69 -0.26 -5.68
C LYS A 223 10.37 0.78 -6.55
N GLY A 224 9.61 1.82 -6.93
CA GLY A 224 10.14 2.90 -7.73
C GLY A 224 11.16 3.73 -6.99
N MET A 225 10.99 3.85 -5.67
CA MET A 225 11.92 4.60 -4.84
C MET A 225 13.29 3.95 -4.85
N GLU A 226 13.32 2.65 -4.60
CA GLU A 226 14.56 1.88 -4.58
C GLU A 226 15.39 2.07 -5.85
N HIS A 227 14.70 2.14 -6.98
CA HIS A 227 15.36 2.31 -8.26
C HIS A 227 15.93 3.72 -8.42
N LEU A 228 15.39 4.67 -7.66
CA LEU A 228 15.91 6.03 -7.67
C LEU A 228 17.15 6.13 -6.79
N TYR A 229 17.26 5.22 -5.83
CA TYR A 229 18.46 5.11 -5.00
C TYR A 229 19.67 4.72 -5.84
N SER A 230 19.53 3.58 -6.54
CA SER A 230 20.62 3.05 -7.36
C SER A 230 21.04 4.02 -8.44
N MET A 231 20.12 4.89 -8.87
CA MET A 231 20.46 5.93 -9.83
C MET A 231 21.34 6.98 -9.17
N LYS A 232 21.02 7.31 -7.92
CA LYS A 232 21.78 8.32 -7.18
C LYS A 232 23.19 7.84 -6.88
N CYS A 233 23.33 6.55 -6.58
CA CYS A 233 24.64 5.97 -6.27
C CYS A 233 25.48 5.82 -7.52
N LYS A 234 24.82 5.56 -8.65
CA LYS A 234 25.51 5.40 -9.92
C LYS A 234 25.96 6.77 -10.45
N ASN A 235 25.34 7.83 -9.93
CA ASN A 235 25.66 9.21 -10.32
C ASN A 235 25.54 9.39 -11.83
N VAL A 236 24.54 8.73 -12.41
CA VAL A 236 24.28 8.79 -13.83
C VAL A 236 23.55 10.08 -14.19
N VAL A 237 22.56 10.45 -13.39
CA VAL A 237 21.76 11.64 -13.64
C VAL A 237 21.89 12.67 -12.53
N PRO A 238 22.15 13.94 -12.90
CA PRO A 238 22.19 15.04 -11.95
C PRO A 238 20.80 15.42 -11.45
N LEU A 239 20.35 14.77 -10.38
CA LEU A 239 19.09 15.15 -9.76
C LEU A 239 19.30 16.38 -8.88
N SER A 240 18.23 17.15 -8.68
CA SER A 240 18.32 18.37 -7.89
C SER A 240 18.55 18.08 -6.42
N ASP A 241 18.91 19.11 -5.66
CA ASP A 241 19.11 18.96 -4.22
C ASP A 241 17.77 18.74 -3.53
N LEU A 242 16.71 19.32 -4.09
CA LEU A 242 15.36 19.12 -3.56
C LEU A 242 14.95 17.66 -3.69
N LEU A 243 15.11 17.11 -4.89
CA LEU A 243 14.79 15.71 -5.14
C LEU A 243 15.66 14.79 -4.29
N LEU A 244 16.89 15.21 -4.03
CA LEU A 244 17.81 14.45 -3.21
C LEU A 244 17.36 14.42 -1.76
N GLU A 245 16.83 15.54 -1.28
CA GLU A 245 16.33 15.63 0.09
C GLU A 245 15.04 14.85 0.25
N MET A 246 14.21 14.83 -0.79
CA MET A 246 12.99 14.03 -0.78
C MET A 246 13.35 12.55 -0.81
N LEU A 247 14.52 12.25 -1.37
CA LEU A 247 14.99 10.88 -1.50
C LEU A 247 15.61 10.37 -0.20
N ASP A 248 16.45 11.20 0.42
CA ASP A 248 17.13 10.84 1.65
C ASP A 248 16.16 10.57 2.80
N ALA A 249 14.98 11.19 2.74
CA ALA A 249 13.99 11.05 3.79
C ALA A 249 13.42 9.64 3.88
N HIS A 250 13.54 8.88 2.80
CA HIS A 250 13.03 7.51 2.76
C HIS A 250 14.09 6.50 3.18
N ARG A 251 15.07 6.95 3.96
CA ARG A 251 16.14 6.08 4.43
C ARG A 251 16.78 6.62 5.69
N SER B 8 -18.74 -20.76 -9.24
CA SER B 8 -18.04 -20.60 -7.98
C SER B 8 -19.00 -20.67 -6.80
N LEU B 9 -18.51 -21.16 -5.67
CA LEU B 9 -19.31 -21.25 -4.46
C LEU B 9 -19.17 -19.99 -3.60
N ALA B 10 -18.03 -19.32 -3.74
CA ALA B 10 -17.72 -18.13 -2.95
C ALA B 10 -18.68 -16.99 -3.24
N LEU B 11 -19.11 -16.89 -4.50
CA LEU B 11 -20.01 -15.81 -4.92
C LEU B 11 -21.42 -16.03 -4.40
N SER B 12 -21.73 -17.25 -3.98
CA SER B 12 -23.07 -17.58 -3.49
C SER B 12 -23.11 -17.65 -1.97
N LEU B 13 -22.00 -17.30 -1.33
CA LEU B 13 -21.91 -17.31 0.12
C LEU B 13 -22.51 -16.04 0.72
N THR B 14 -23.39 -16.21 1.70
CA THR B 14 -23.97 -15.06 2.39
C THR B 14 -22.90 -14.40 3.25
N ALA B 15 -23.23 -13.24 3.81
CA ALA B 15 -22.30 -12.48 4.64
C ALA B 15 -21.86 -13.28 5.86
N ASP B 16 -22.82 -13.86 6.56
CA ASP B 16 -22.54 -14.65 7.76
C ASP B 16 -21.79 -15.93 7.43
N GLN B 17 -22.14 -16.54 6.30
CA GLN B 17 -21.46 -17.76 5.85
C GLN B 17 -20.01 -17.46 5.51
N MET B 18 -19.76 -16.26 5.00
CA MET B 18 -18.41 -15.82 4.69
C MET B 18 -17.58 -15.66 5.97
N VAL B 19 -18.18 -15.05 6.98
CA VAL B 19 -17.50 -14.80 8.25
C VAL B 19 -17.10 -16.10 8.94
N SER B 20 -18.06 -17.02 9.07
CA SER B 20 -17.82 -18.29 9.73
C SER B 20 -16.77 -19.12 8.98
N ALA B 21 -16.77 -19.01 7.65
CA ALA B 21 -15.81 -19.71 6.83
C ALA B 21 -14.39 -19.21 7.10
N LEU B 22 -14.23 -17.90 7.14
CA LEU B 22 -12.93 -17.29 7.40
C LEU B 22 -12.47 -17.54 8.83
N LEU B 23 -13.41 -17.51 9.76
CA LEU B 23 -13.09 -17.77 11.17
C LEU B 23 -12.63 -19.20 11.39
N ASP B 24 -13.31 -20.15 10.75
CA ASP B 24 -13.00 -21.55 10.90
C ASP B 24 -11.66 -21.90 10.24
N ALA B 25 -11.28 -21.12 9.25
CA ALA B 25 -10.06 -21.37 8.49
C ALA B 25 -8.83 -20.76 9.17
N GLU B 26 -9.03 -20.09 10.29
CA GLU B 26 -7.96 -19.40 11.00
C GLU B 26 -6.82 -20.33 11.39
N PRO B 27 -5.58 -19.94 11.07
CA PRO B 27 -4.39 -20.70 11.44
C PRO B 27 -4.10 -20.55 12.93
N PRO B 28 -3.46 -21.56 13.54
CA PRO B 28 -3.17 -21.49 14.97
C PRO B 28 -2.08 -20.46 15.30
N ILE B 29 -2.01 -20.05 16.57
CA ILE B 29 -0.94 -19.20 17.03
C ILE B 29 0.24 -20.06 17.46
N LEU B 30 1.26 -20.14 16.60
CA LEU B 30 2.40 -20.99 16.85
C LEU B 30 3.32 -20.42 17.91
N TYR B 31 4.02 -21.32 18.62
CA TYR B 31 5.02 -20.91 19.59
C TYR B 31 6.38 -20.80 18.91
N SER B 32 7.29 -20.07 19.54
CA SER B 32 8.64 -19.93 19.02
C SER B 32 9.62 -20.72 19.88
N GLU B 33 10.74 -21.11 19.27
CA GLU B 33 11.86 -21.62 20.05
C GLU B 33 12.49 -20.43 20.76
N TYR B 34 12.25 -20.30 22.05
CA TYR B 34 12.80 -19.17 22.78
C TYR B 34 13.21 -19.54 24.19
N ASP B 35 14.47 -19.27 24.51
CA ASP B 35 15.01 -19.53 25.84
C ASP B 35 15.29 -18.21 26.54
N PRO B 36 14.42 -17.82 27.48
CA PRO B 36 14.59 -16.60 28.27
C PRO B 36 15.92 -16.59 29.03
N THR B 37 16.44 -17.79 29.29
CA THR B 37 17.74 -17.92 29.93
C THR B 37 18.87 -17.58 28.96
N ARG B 38 18.76 -18.06 27.73
CA ARG B 38 19.75 -17.82 26.69
C ARG B 38 19.86 -16.33 26.33
N PRO B 39 21.08 -15.85 26.11
CA PRO B 39 21.32 -14.44 25.74
C PRO B 39 20.94 -14.15 24.30
N PHE B 40 20.24 -13.04 24.09
CA PHE B 40 19.78 -12.66 22.75
C PHE B 40 20.89 -12.00 21.94
N SER B 41 21.02 -12.41 20.69
CA SER B 41 21.99 -11.82 19.78
C SER B 41 21.30 -11.45 18.48
N GLU B 42 21.96 -10.62 17.67
CA GLU B 42 21.36 -10.13 16.43
C GLU B 42 21.39 -11.19 15.32
N ALA B 43 21.56 -12.44 15.72
CA ALA B 43 21.49 -13.57 14.79
C ALA B 43 20.58 -14.66 15.36
N SER B 44 20.50 -14.71 16.69
CA SER B 44 19.61 -15.65 17.36
C SER B 44 18.17 -15.17 17.25
N MET B 45 17.95 -13.91 17.60
CA MET B 45 16.62 -13.33 17.62
C MET B 45 16.01 -13.25 16.22
N MET B 46 16.86 -12.97 15.22
CA MET B 46 16.41 -13.02 13.82
C MET B 46 16.17 -14.46 13.41
N GLY B 47 16.93 -15.37 14.02
CA GLY B 47 16.78 -16.79 13.76
C GLY B 47 15.46 -17.31 14.30
N LEU B 48 15.04 -16.78 15.45
CA LEU B 48 13.78 -17.18 16.06
C LEU B 48 12.61 -16.73 15.19
N LEU B 49 12.68 -15.49 14.71
CA LEU B 49 11.62 -14.95 13.86
C LEU B 49 11.57 -15.68 12.53
N THR B 50 12.74 -16.03 12.01
CA THR B 50 12.84 -16.77 10.75
C THR B 50 12.28 -18.17 10.90
N ASN B 51 12.65 -18.84 11.99
CA ASN B 51 12.13 -20.16 12.30
C ASN B 51 10.61 -20.13 12.48
N LEU B 52 10.14 -19.09 13.14
CA LEU B 52 8.71 -18.92 13.40
C LEU B 52 7.93 -18.67 12.11
N ALA B 53 8.38 -17.69 11.33
CA ALA B 53 7.71 -17.32 10.09
C ALA B 53 7.65 -18.49 9.11
N ASP B 54 8.72 -19.29 9.07
CA ASP B 54 8.79 -20.44 8.18
C ASP B 54 7.70 -21.47 8.50
N ARG B 55 7.46 -21.69 9.79
CA ARG B 55 6.40 -22.60 10.22
C ARG B 55 5.02 -21.99 10.01
N GLU B 56 4.93 -20.67 10.18
CA GLU B 56 3.68 -19.96 9.94
C GLU B 56 3.28 -20.03 8.47
N LEU B 57 4.27 -20.05 7.59
CA LEU B 57 4.03 -20.11 6.15
C LEU B 57 3.29 -21.38 5.75
N VAL B 58 3.61 -22.48 6.42
CA VAL B 58 2.97 -23.76 6.11
C VAL B 58 1.49 -23.72 6.44
N HIS B 59 1.15 -23.06 7.55
CA HIS B 59 -0.25 -22.92 7.96
C HIS B 59 -0.97 -21.89 7.09
N MET B 60 -0.24 -20.86 6.66
CA MET B 60 -0.82 -19.82 5.81
C MET B 60 -1.23 -20.38 4.46
N ILE B 61 -0.39 -21.24 3.90
CA ILE B 61 -0.66 -21.88 2.61
C ILE B 61 -1.96 -22.69 2.68
N ASN B 62 -2.11 -23.48 3.74
CA ASN B 62 -3.32 -24.28 3.93
C ASN B 62 -4.50 -23.40 4.32
N TRP B 63 -4.22 -22.27 4.97
CA TRP B 63 -5.25 -21.28 5.28
C TRP B 63 -5.78 -20.65 3.99
N ALA B 64 -4.87 -20.32 3.09
CA ALA B 64 -5.23 -19.68 1.83
C ALA B 64 -6.14 -20.58 0.99
N LYS B 65 -5.94 -21.89 1.10
CA LYS B 65 -6.77 -22.85 0.39
C LYS B 65 -8.24 -22.75 0.81
N ARG B 66 -8.46 -22.38 2.07
CA ARG B 66 -9.81 -22.33 2.61
C ARG B 66 -10.43 -20.93 2.45
N VAL B 67 -9.65 -19.99 1.96
CA VAL B 67 -10.17 -18.66 1.64
C VAL B 67 -11.06 -18.76 0.40
N PRO B 68 -12.32 -18.31 0.52
CA PRO B 68 -13.32 -18.41 -0.56
C PRO B 68 -12.83 -17.82 -1.88
N GLY B 69 -12.91 -18.62 -2.95
CA GLY B 69 -12.54 -18.15 -4.28
C GLY B 69 -11.10 -18.40 -4.64
N PHE B 70 -10.27 -18.69 -3.65
CA PHE B 70 -8.83 -18.87 -3.87
C PHE B 70 -8.52 -20.16 -4.63
N VAL B 71 -9.26 -21.23 -4.34
CA VAL B 71 -9.02 -22.51 -5.01
C VAL B 71 -9.56 -22.49 -6.44
N ASP B 72 -10.42 -21.53 -6.75
CA ASP B 72 -10.94 -21.40 -8.11
C ASP B 72 -9.86 -20.93 -9.07
N LEU B 73 -8.87 -20.24 -8.52
CA LEU B 73 -7.79 -19.66 -9.32
C LEU B 73 -6.81 -20.72 -9.81
N THR B 74 -6.09 -20.39 -10.87
CA THR B 74 -5.03 -21.25 -11.39
C THR B 74 -3.94 -21.40 -10.34
N LEU B 75 -3.31 -22.58 -10.30
CA LEU B 75 -2.24 -22.87 -9.36
C LEU B 75 -1.10 -21.86 -9.47
N HIS B 76 -0.82 -21.41 -10.70
CA HIS B 76 0.23 -20.42 -10.93
C HIS B 76 -0.12 -19.06 -10.34
N ASP B 77 -1.40 -18.74 -10.31
CA ASP B 77 -1.86 -17.47 -9.73
C ASP B 77 -1.95 -17.56 -8.21
N GLN B 78 -2.20 -18.77 -7.71
CA GLN B 78 -2.18 -19.01 -6.27
C GLN B 78 -0.77 -18.76 -5.73
N VAL B 79 0.22 -19.24 -6.47
CA VAL B 79 1.61 -19.03 -6.13
C VAL B 79 1.95 -17.55 -6.12
N HIS B 80 1.52 -16.84 -7.15
CA HIS B 80 1.81 -15.41 -7.28
C HIS B 80 1.22 -14.61 -6.12
N LEU B 81 -0.06 -14.83 -5.83
CA LEU B 81 -0.73 -14.11 -4.76
C LEU B 81 -0.05 -14.30 -3.40
N LEU B 82 0.38 -15.52 -3.11
CA LEU B 82 1.03 -15.84 -1.84
C LEU B 82 2.44 -15.31 -1.79
N GLU B 83 3.18 -15.50 -2.88
CA GLU B 83 4.50 -14.89 -3.01
C GLU B 83 4.42 -13.39 -2.81
N CYS B 84 3.32 -12.78 -3.27
CA CYS B 84 3.18 -11.33 -3.15
C CYS B 84 2.82 -10.83 -1.75
N ALA B 85 1.98 -11.57 -1.04
CA ALA B 85 1.40 -11.02 0.17
C ALA B 85 1.78 -11.76 1.45
N TRP B 86 2.73 -12.69 1.39
CA TRP B 86 3.04 -13.54 2.54
C TRP B 86 3.52 -12.75 3.76
N LEU B 87 4.37 -11.75 3.54
CA LEU B 87 4.88 -10.95 4.64
C LEU B 87 3.79 -10.00 5.15
N GLU B 88 2.95 -9.53 4.24
CA GLU B 88 1.80 -8.70 4.62
C GLU B 88 0.87 -9.44 5.55
N ILE B 89 0.59 -10.70 5.22
CA ILE B 89 -0.33 -11.53 6.01
C ILE B 89 0.29 -11.90 7.35
N LEU B 90 1.59 -12.19 7.35
CA LEU B 90 2.32 -12.45 8.60
C LEU B 90 2.27 -11.22 9.52
N MET B 91 2.47 -10.05 8.93
CA MET B 91 2.54 -8.81 9.70
C MET B 91 1.19 -8.40 10.27
N ILE B 92 0.12 -8.55 9.50
CA ILE B 92 -1.20 -8.17 9.99
C ILE B 92 -1.65 -9.16 11.05
N GLY B 93 -1.17 -10.39 10.96
CA GLY B 93 -1.42 -11.39 11.98
C GLY B 93 -0.70 -10.99 13.26
N LEU B 94 0.58 -10.64 13.12
CA LEU B 94 1.39 -10.17 14.24
C LEU B 94 0.76 -8.95 14.91
N VAL B 95 0.32 -8.00 14.10
CA VAL B 95 -0.31 -6.78 14.59
C VAL B 95 -1.62 -7.09 15.31
N TRP B 96 -2.36 -8.07 14.80
CA TRP B 96 -3.61 -8.49 15.41
C TRP B 96 -3.39 -9.13 16.79
N ARG B 97 -2.37 -9.96 16.90
CA ARG B 97 -2.05 -10.64 18.13
C ARG B 97 -1.52 -9.67 19.15
N SER B 98 -0.89 -8.62 18.71
CA SER B 98 -0.21 -7.68 19.60
C SER B 98 -1.10 -6.52 20.05
N MET B 99 -2.39 -6.60 19.72
CA MET B 99 -3.31 -5.49 20.00
C MET B 99 -3.47 -5.19 21.48
N GLU B 100 -3.67 -6.23 22.29
CA GLU B 100 -3.89 -6.04 23.71
C GLU B 100 -2.58 -6.01 24.49
N HIS B 101 -1.48 -5.80 23.78
CA HIS B 101 -0.17 -5.64 24.42
C HIS B 101 0.49 -4.35 23.95
N PRO B 102 0.07 -3.21 24.52
CA PRO B 102 0.55 -1.88 24.12
C PRO B 102 2.06 -1.73 24.24
N GLY B 103 2.69 -1.25 23.18
CA GLY B 103 4.13 -1.06 23.17
C GLY B 103 4.91 -2.35 23.05
N LYS B 104 4.22 -3.44 22.72
CA LYS B 104 4.85 -4.75 22.60
C LYS B 104 4.32 -5.52 21.40
N LEU B 105 5.19 -6.34 20.81
CA LEU B 105 4.80 -7.17 19.68
C LEU B 105 4.80 -8.65 20.06
N LEU B 106 3.63 -9.27 19.98
CA LEU B 106 3.50 -10.68 20.31
C LEU B 106 3.77 -11.56 19.10
N PHE B 107 5.05 -11.84 18.86
CA PHE B 107 5.43 -12.76 17.79
C PHE B 107 4.95 -14.17 18.12
N ALA B 108 5.04 -14.51 19.40
CA ALA B 108 4.56 -15.78 19.91
C ALA B 108 4.10 -15.56 21.35
N PRO B 109 3.24 -16.46 21.87
CA PRO B 109 2.82 -16.33 23.26
C PRO B 109 3.99 -16.32 24.24
N ASN B 110 5.12 -16.91 23.83
CA ASN B 110 6.31 -16.92 24.67
C ASN B 110 7.39 -15.97 24.15
N LEU B 111 7.05 -15.21 23.12
CA LEU B 111 7.99 -14.24 22.55
C LEU B 111 7.36 -12.85 22.45
N LEU B 112 7.50 -12.08 23.52
CA LEU B 112 6.91 -10.75 23.59
C LEU B 112 8.02 -9.69 23.55
N LEU B 113 8.11 -8.96 22.45
CA LEU B 113 9.20 -8.00 22.25
C LEU B 113 8.73 -6.55 22.27
N ASP B 114 9.63 -5.66 22.71
CA ASP B 114 9.39 -4.23 22.64
C ASP B 114 10.48 -3.57 21.80
N ARG B 115 10.41 -2.25 21.65
CA ARG B 115 11.32 -1.52 20.77
C ARG B 115 12.79 -1.63 21.20
N ASN B 116 13.02 -1.72 22.50
CA ASN B 116 14.37 -1.80 23.05
C ASN B 116 15.13 -3.03 22.59
N GLN B 117 14.39 -4.11 22.35
CA GLN B 117 14.99 -5.37 21.94
C GLN B 117 15.03 -5.49 20.42
N GLY B 118 14.43 -4.53 19.74
CA GLY B 118 14.44 -4.50 18.29
C GLY B 118 15.73 -3.85 17.80
N LYS B 119 16.43 -3.20 18.71
CA LYS B 119 17.68 -2.51 18.40
C LYS B 119 18.80 -3.49 18.15
N CYS B 120 18.53 -4.76 18.45
CA CYS B 120 19.47 -5.85 18.19
C CYS B 120 19.86 -5.86 16.72
N VAL B 121 18.88 -5.67 15.85
CA VAL B 121 19.12 -5.61 14.41
C VAL B 121 19.01 -4.17 13.93
N GLU B 122 19.79 -3.82 12.92
CA GLU B 122 19.74 -2.45 12.38
C GLU B 122 18.56 -2.28 11.45
N GLY B 123 17.87 -1.15 11.57
CA GLY B 123 16.72 -0.84 10.74
C GLY B 123 15.46 -1.51 11.23
N MET B 124 15.61 -2.40 12.21
CA MET B 124 14.49 -3.16 12.75
C MET B 124 13.56 -2.28 13.59
N VAL B 125 14.13 -1.29 14.27
CA VAL B 125 13.37 -0.46 15.19
C VAL B 125 12.36 0.42 14.46
N GLU B 126 12.63 0.72 13.19
CA GLU B 126 11.71 1.51 12.39
C GLU B 126 10.51 0.65 11.98
N ILE B 127 10.79 -0.60 11.62
CA ILE B 127 9.74 -1.55 11.29
C ILE B 127 8.89 -1.84 12.50
N PHE B 128 9.54 -2.01 13.65
CA PHE B 128 8.88 -2.29 14.91
C PHE B 128 7.94 -1.17 15.32
N ASP B 129 8.37 0.08 15.18
CA ASP B 129 7.55 1.24 15.50
C ASP B 129 6.32 1.34 14.60
N MET B 130 6.51 1.00 13.32
CA MET B 130 5.40 1.02 12.38
C MET B 130 4.39 -0.08 12.70
N LEU B 131 4.91 -1.24 13.08
CA LEU B 131 4.07 -2.35 13.50
C LEU B 131 3.31 -2.01 14.78
N LEU B 132 4.01 -1.38 15.71
CA LEU B 132 3.40 -0.95 16.97
C LEU B 132 2.30 0.08 16.74
N ALA B 133 2.56 1.01 15.84
CA ALA B 133 1.59 2.05 15.50
C ALA B 133 0.34 1.44 14.87
N THR B 134 0.55 0.45 14.00
CA THR B 134 -0.55 -0.26 13.35
C THR B 134 -1.38 -1.01 14.39
N SER B 135 -0.71 -1.58 15.37
CA SER B 135 -1.37 -2.31 16.45
C SER B 135 -2.18 -1.37 17.33
N SER B 136 -1.59 -0.22 17.65
CA SER B 136 -2.27 0.81 18.42
C SER B 136 -3.48 1.35 17.66
N ARG B 137 -3.34 1.43 16.34
CA ARG B 137 -4.42 1.89 15.48
C ARG B 137 -5.59 0.91 15.52
N PHE B 138 -5.29 -0.38 15.43
CA PHE B 138 -6.30 -1.42 15.54
C PHE B 138 -7.00 -1.37 16.90
N ARG B 139 -6.23 -1.08 17.95
CA ARG B 139 -6.76 -1.04 19.30
C ARG B 139 -7.75 0.11 19.48
N MET B 140 -7.39 1.28 18.95
CA MET B 140 -8.25 2.46 19.03
C MET B 140 -9.53 2.26 18.23
N MET B 141 -9.42 1.60 17.09
CA MET B 141 -10.59 1.31 16.26
C MET B 141 -11.43 0.19 16.85
N ASN B 142 -10.87 -0.49 17.85
CA ASN B 142 -11.50 -1.67 18.44
C ASN B 142 -11.82 -2.70 17.36
N LEU B 143 -10.81 -3.08 16.60
CA LEU B 143 -10.96 -4.03 15.50
C LEU B 143 -11.51 -5.36 16.00
N GLN B 144 -12.48 -5.89 15.27
CA GLN B 144 -13.09 -7.17 15.62
C GLN B 144 -12.45 -8.31 14.85
N GLY B 145 -12.47 -9.50 15.43
CA GLY B 145 -11.91 -10.68 14.78
C GLY B 145 -12.55 -10.97 13.44
N GLU B 146 -13.85 -10.72 13.36
CA GLU B 146 -14.60 -10.92 12.13
C GLU B 146 -14.14 -9.95 11.05
N GLU B 147 -13.72 -8.77 11.47
CA GLU B 147 -13.21 -7.76 10.55
C GLU B 147 -11.77 -8.07 10.14
N PHE B 148 -11.00 -8.60 11.09
CA PHE B 148 -9.60 -8.95 10.85
C PHE B 148 -9.44 -10.01 9.77
N VAL B 149 -10.24 -11.08 9.87
CA VAL B 149 -10.16 -12.18 8.92
C VAL B 149 -10.62 -11.74 7.53
N CYS B 150 -11.47 -10.72 7.48
CA CYS B 150 -11.87 -10.13 6.21
C CYS B 150 -10.70 -9.36 5.61
N LEU B 151 -10.05 -8.52 6.42
CA LEU B 151 -8.91 -7.73 5.98
C LEU B 151 -7.75 -8.61 5.50
N LYS B 152 -7.48 -9.67 6.26
CA LYS B 152 -6.39 -10.57 5.93
C LYS B 152 -6.66 -11.29 4.60
N SER B 153 -7.90 -11.65 4.36
CA SER B 153 -8.28 -12.32 3.11
C SER B 153 -8.26 -11.34 1.95
N ILE B 154 -8.56 -10.07 2.23
CA ILE B 154 -8.48 -9.02 1.21
C ILE B 154 -7.05 -8.87 0.73
N ILE B 155 -6.11 -8.84 1.66
CA ILE B 155 -4.69 -8.74 1.34
C ILE B 155 -4.24 -9.87 0.43
N LEU B 156 -4.66 -11.09 0.76
CA LEU B 156 -4.30 -12.26 -0.03
C LEU B 156 -4.72 -12.13 -1.50
N LEU B 157 -5.94 -11.65 -1.72
CA LEU B 157 -6.50 -11.56 -3.05
C LEU B 157 -6.08 -10.30 -3.80
N ASN B 158 -5.89 -9.20 -3.07
CA ASN B 158 -5.66 -7.91 -3.69
C ASN B 158 -4.21 -7.59 -4.00
N SER B 159 -3.30 -7.99 -3.09
CA SER B 159 -1.91 -7.53 -3.12
C SER B 159 -1.17 -7.84 -4.42
N GLY B 160 -1.54 -8.93 -5.09
CA GLY B 160 -0.84 -9.33 -6.30
C GLY B 160 -1.73 -9.43 -7.52
N VAL B 161 -2.84 -8.69 -7.52
CA VAL B 161 -3.81 -8.79 -8.60
C VAL B 161 -3.43 -7.93 -9.81
N TYR B 162 -2.59 -6.92 -9.60
CA TYR B 162 -2.19 -6.05 -10.71
C TYR B 162 -0.78 -6.34 -11.20
N THR B 163 -0.25 -7.52 -10.85
CA THR B 163 1.08 -7.91 -11.28
C THR B 163 1.07 -9.27 -11.97
N PHE B 164 -0.10 -9.69 -12.41
CA PHE B 164 -0.24 -10.95 -13.15
C PHE B 164 0.47 -10.88 -14.49
N SER B 171 -5.63 -13.40 -22.51
CA SER B 171 -6.81 -12.79 -21.90
C SER B 171 -7.34 -13.66 -20.76
N LEU B 172 -6.48 -13.89 -19.76
CA LEU B 172 -6.78 -14.79 -18.64
C LEU B 172 -8.18 -14.60 -18.06
N GLU B 173 -8.55 -13.36 -17.77
CA GLU B 173 -9.86 -13.01 -17.20
C GLU B 173 -10.07 -13.61 -15.82
N GLU B 174 -8.97 -14.00 -15.18
CA GLU B 174 -9.01 -14.54 -13.82
C GLU B 174 -9.08 -13.40 -12.81
N LYS B 175 -8.75 -12.20 -13.27
CA LYS B 175 -8.77 -11.01 -12.43
C LYS B 175 -10.19 -10.61 -12.06
N ASP B 176 -11.12 -10.82 -12.99
CA ASP B 176 -12.52 -10.47 -12.79
C ASP B 176 -13.13 -11.25 -11.62
N HIS B 177 -12.81 -12.53 -11.55
CA HIS B 177 -13.33 -13.39 -10.48
C HIS B 177 -12.82 -12.94 -9.13
N ILE B 178 -11.56 -12.54 -9.08
CA ILE B 178 -10.95 -12.07 -7.84
C ILE B 178 -11.62 -10.79 -7.35
N HIS B 179 -11.86 -9.86 -8.27
CA HIS B 179 -12.54 -8.62 -7.94
C HIS B 179 -13.97 -8.87 -7.47
N ARG B 180 -14.59 -9.89 -8.05
CA ARG B 180 -15.94 -10.27 -7.67
C ARG B 180 -15.98 -10.78 -6.23
N VAL B 181 -14.95 -11.52 -5.85
CA VAL B 181 -14.84 -12.03 -4.49
C VAL B 181 -14.51 -10.89 -3.53
N LEU B 182 -13.61 -10.01 -3.96
CA LEU B 182 -13.23 -8.84 -3.16
C LEU B 182 -14.43 -7.97 -2.85
N ASP B 183 -15.33 -7.82 -3.81
CA ASP B 183 -16.56 -7.07 -3.62
C ASP B 183 -17.46 -7.77 -2.60
N LYS B 184 -17.47 -9.10 -2.63
CA LYS B 184 -18.27 -9.88 -1.70
C LYS B 184 -17.76 -9.72 -0.28
N ILE B 185 -16.44 -9.59 -0.14
CA ILE B 185 -15.84 -9.37 1.17
C ILE B 185 -16.13 -7.96 1.68
N THR B 186 -16.19 -7.01 0.75
CA THR B 186 -16.56 -5.65 1.09
C THR B 186 -17.99 -5.61 1.61
N ASP B 187 -18.86 -6.38 0.96
CA ASP B 187 -20.25 -6.53 1.40
C ASP B 187 -20.31 -7.12 2.80
N THR B 188 -19.39 -8.05 3.07
CA THR B 188 -19.32 -8.72 4.36
C THR B 188 -18.93 -7.74 5.47
N LEU B 189 -17.91 -6.92 5.21
CA LEU B 189 -17.45 -5.92 6.17
C LEU B 189 -18.56 -4.93 6.53
N ILE B 190 -19.25 -4.42 5.52
CA ILE B 190 -20.34 -3.48 5.73
C ILE B 190 -21.46 -4.13 6.55
N HIS B 191 -21.74 -5.40 6.25
CA HIS B 191 -22.74 -6.16 6.97
C HIS B 191 -22.38 -6.29 8.45
N LEU B 192 -21.09 -6.45 8.72
CA LEU B 192 -20.59 -6.54 10.09
C LEU B 192 -20.80 -5.21 10.84
N MET B 193 -20.44 -4.11 10.19
CA MET B 193 -20.55 -2.80 10.80
C MET B 193 -22.00 -2.39 11.01
N ALA B 194 -22.87 -2.78 10.08
CA ALA B 194 -24.29 -2.50 10.20
C ALA B 194 -24.89 -3.24 11.38
N LYS B 195 -24.36 -4.43 11.67
CA LYS B 195 -24.84 -5.24 12.78
C LYS B 195 -24.29 -4.72 14.11
N ALA B 196 -23.18 -3.98 14.03
CA ALA B 196 -22.57 -3.41 15.23
C ALA B 196 -23.26 -2.12 15.65
N GLY B 197 -24.30 -1.74 14.91
CA GLY B 197 -25.09 -0.57 15.25
C GLY B 197 -24.56 0.72 14.66
N LEU B 198 -23.61 0.62 13.74
CA LEU B 198 -23.04 1.80 13.10
C LEU B 198 -23.99 2.41 12.09
N THR B 199 -24.03 3.73 12.03
CA THR B 199 -24.83 4.43 11.03
C THR B 199 -24.17 4.28 9.66
N LEU B 200 -24.90 4.66 8.62
CA LEU B 200 -24.42 4.52 7.25
C LEU B 200 -23.12 5.29 7.03
N GLN B 201 -23.04 6.48 7.59
CA GLN B 201 -21.83 7.29 7.50
C GLN B 201 -20.67 6.63 8.24
N GLN B 202 -20.96 6.08 9.42
CA GLN B 202 -19.95 5.41 10.23
C GLN B 202 -19.43 4.14 9.55
N GLN B 203 -20.31 3.46 8.82
CA GLN B 203 -19.93 2.24 8.10
C GLN B 203 -18.91 2.54 7.01
N HIS B 204 -19.21 3.51 6.16
CA HIS B 204 -18.33 3.89 5.06
C HIS B 204 -17.00 4.44 5.58
N GLN B 205 -17.08 5.19 6.68
CA GLN B 205 -15.87 5.75 7.30
C GLN B 205 -14.98 4.64 7.84
N ARG B 206 -15.55 3.73 8.62
CA ARG B 206 -14.79 2.64 9.22
C ARG B 206 -14.18 1.74 8.14
N LEU B 207 -14.97 1.46 7.10
CA LEU B 207 -14.50 0.69 5.96
C LEU B 207 -13.27 1.34 5.33
N ALA B 208 -13.35 2.64 5.12
CA ALA B 208 -12.25 3.39 4.53
C ALA B 208 -11.02 3.36 5.45
N GLN B 209 -11.26 3.57 6.74
CA GLN B 209 -10.19 3.55 7.73
C GLN B 209 -9.44 2.23 7.73
N LEU B 210 -10.18 1.12 7.61
CA LEU B 210 -9.57 -0.21 7.62
C LEU B 210 -8.71 -0.45 6.40
N LEU B 211 -9.20 -0.03 5.23
CA LEU B 211 -8.53 -0.30 3.97
C LEU B 211 -7.31 0.58 3.77
N LEU B 212 -7.31 1.76 4.37
CA LEU B 212 -6.16 2.67 4.32
C LEU B 212 -5.00 2.09 5.12
N ILE B 213 -5.32 1.32 6.15
CA ILE B 213 -4.31 0.65 6.96
C ILE B 213 -3.56 -0.39 6.12
N LEU B 214 -4.25 -0.98 5.17
CA LEU B 214 -3.65 -1.96 4.26
C LEU B 214 -2.53 -1.35 3.43
N SER B 215 -2.67 -0.06 3.12
CA SER B 215 -1.63 0.67 2.40
C SER B 215 -0.36 0.75 3.23
N HIS B 216 -0.52 0.87 4.54
CA HIS B 216 0.61 0.95 5.47
C HIS B 216 1.21 -0.42 5.69
N ILE B 217 0.37 -1.44 5.70
CA ILE B 217 0.85 -2.82 5.86
C ILE B 217 1.67 -3.23 4.65
N ARG B 218 1.25 -2.76 3.48
CA ARG B 218 2.02 -2.94 2.24
C ARG B 218 3.39 -2.27 2.37
N HIS B 219 3.39 -1.06 2.92
CA HIS B 219 4.61 -0.30 3.11
C HIS B 219 5.58 -1.03 4.05
N MET B 220 5.04 -1.57 5.14
CA MET B 220 5.85 -2.30 6.09
C MET B 220 6.42 -3.58 5.48
N SER B 221 5.62 -4.23 4.64
CA SER B 221 6.05 -5.45 3.96
C SER B 221 7.22 -5.18 3.02
N ASN B 222 7.09 -4.14 2.20
CA ASN B 222 8.14 -3.76 1.27
C ASN B 222 9.44 -3.41 2.00
N LYS B 223 9.32 -2.59 3.04
CA LYS B 223 10.47 -2.22 3.85
C LYS B 223 11.05 -3.41 4.59
N GLY B 224 10.18 -4.30 5.05
CA GLY B 224 10.61 -5.52 5.71
C GLY B 224 11.27 -6.47 4.74
N MET B 225 10.75 -6.50 3.51
CA MET B 225 11.26 -7.41 2.49
C MET B 225 12.69 -7.07 2.09
N GLU B 226 12.97 -5.79 1.88
CA GLU B 226 14.30 -5.36 1.47
C GLU B 226 15.33 -5.53 2.58
N HIS B 227 14.84 -5.63 3.82
CA HIS B 227 15.71 -5.87 4.96
C HIS B 227 15.96 -7.36 5.14
N LEU B 228 15.06 -8.18 4.62
CA LEU B 228 15.24 -9.63 4.63
C LEU B 228 16.20 -10.03 3.51
N TYR B 229 16.16 -9.28 2.42
CA TYR B 229 17.00 -9.57 1.26
C TYR B 229 18.45 -9.15 1.50
N SER B 230 18.65 -8.17 2.36
CA SER B 230 19.99 -7.65 2.64
C SER B 230 20.77 -8.61 3.54
N MET B 231 20.11 -9.14 4.57
CA MET B 231 20.77 -10.05 5.49
C MET B 231 20.78 -11.47 4.94
N LYS B 232 20.16 -11.67 3.79
CA LYS B 232 20.31 -12.92 3.07
C LYS B 232 21.72 -12.99 2.50
N CYS B 233 22.18 -11.86 1.98
CA CYS B 233 23.53 -11.74 1.46
C CYS B 233 24.54 -11.72 2.61
N LYS B 234 24.09 -11.25 3.77
CA LYS B 234 24.89 -11.29 4.98
C LYS B 234 24.62 -12.58 5.73
N ASN B 235 25.34 -13.63 5.36
CA ASN B 235 25.05 -15.01 5.78
C ASN B 235 24.88 -15.27 7.28
N VAL B 236 24.71 -14.22 8.07
CA VAL B 236 24.60 -14.33 9.53
C VAL B 236 23.36 -15.12 9.97
N VAL B 237 22.35 -15.20 9.10
CA VAL B 237 21.12 -15.90 9.46
C VAL B 237 20.64 -16.89 8.40
N PRO B 238 20.44 -18.15 8.81
CA PRO B 238 19.94 -19.21 7.92
C PRO B 238 18.48 -19.04 7.55
N LEU B 239 18.21 -18.55 6.35
CA LEU B 239 16.84 -18.49 5.84
C LEU B 239 16.42 -19.85 5.30
N SER B 240 15.23 -20.29 5.67
CA SER B 240 14.73 -21.60 5.24
C SER B 240 14.52 -21.65 3.73
N ASP B 241 14.47 -22.86 3.18
CA ASP B 241 14.35 -23.05 1.74
C ASP B 241 13.05 -22.47 1.18
N LEU B 242 11.96 -22.60 1.93
CA LEU B 242 10.69 -22.02 1.52
C LEU B 242 10.76 -20.51 1.56
N LEU B 243 11.36 -19.98 2.63
CA LEU B 243 11.44 -18.54 2.83
C LEU B 243 12.32 -17.87 1.78
N LEU B 244 13.39 -18.55 1.38
CA LEU B 244 14.28 -18.05 0.33
C LEU B 244 13.56 -17.91 -1.01
N GLU B 245 12.67 -18.85 -1.30
CA GLU B 245 11.92 -18.83 -2.55
C GLU B 245 10.84 -17.75 -2.52
N MET B 246 10.35 -17.44 -1.34
CA MET B 246 9.38 -16.35 -1.19
C MET B 246 10.08 -15.00 -1.36
N LEU B 247 11.34 -14.93 -0.96
CA LEU B 247 12.13 -13.71 -1.10
C LEU B 247 12.52 -13.47 -2.56
N ASP B 248 12.85 -14.54 -3.27
CA ASP B 248 13.23 -14.45 -4.68
C ASP B 248 12.12 -13.85 -5.54
N ALA B 249 10.89 -14.03 -5.12
CA ALA B 249 9.73 -13.57 -5.87
C ALA B 249 9.69 -12.05 -6.00
N HIS B 250 10.18 -11.35 -4.98
CA HIS B 250 10.15 -9.90 -4.97
C HIS B 250 11.36 -9.30 -5.67
N ARG B 251 12.39 -10.12 -5.87
CA ARG B 251 13.58 -9.75 -6.63
C ARG B 251 14.20 -8.43 -6.18
N LYS C 3 10.09 -25.37 -6.80
CA LYS C 3 9.05 -24.47 -6.32
C LYS C 3 8.29 -25.10 -5.15
N ILE C 4 8.76 -24.84 -3.93
CA ILE C 4 8.18 -25.42 -2.72
C ILE C 4 6.74 -24.97 -2.51
N LEU C 5 6.49 -23.68 -2.70
CA LEU C 5 5.14 -23.12 -2.57
C LEU C 5 4.17 -23.82 -3.52
N HIS C 6 4.66 -24.13 -4.71
CA HIS C 6 3.87 -24.78 -5.75
C HIS C 6 3.47 -26.21 -5.32
N ARG C 7 4.39 -26.90 -4.66
CA ARG C 7 4.13 -28.26 -4.21
C ARG C 7 3.12 -28.31 -3.07
N LEU C 8 3.35 -27.48 -2.05
CA LEU C 8 2.49 -27.44 -0.88
C LEU C 8 1.07 -27.02 -1.22
N LEU C 9 0.92 -26.26 -2.29
CA LEU C 9 -0.39 -25.82 -2.74
C LEU C 9 -1.19 -26.96 -3.40
N GLN C 10 -0.49 -27.83 -4.11
CA GLN C 10 -1.14 -29.01 -4.69
C GLN C 10 -1.68 -29.90 -3.58
N ASP C 11 -0.79 -30.35 -2.70
CA ASP C 11 -1.17 -31.04 -1.47
C ASP C 11 0.04 -31.22 -0.57
N HIS D 2 19.07 23.07 7.15
CA HIS D 2 17.70 22.56 7.18
C HIS D 2 17.32 21.97 5.82
N LYS D 3 16.05 22.13 5.45
CA LYS D 3 15.55 21.56 4.21
C LYS D 3 15.02 22.61 3.24
N ILE D 4 15.14 22.32 1.95
CA ILE D 4 14.56 23.16 0.91
C ILE D 4 13.04 23.12 1.03
N LEU D 5 12.52 21.94 1.39
CA LEU D 5 11.10 21.74 1.57
C LEU D 5 10.52 22.68 2.63
N HIS D 6 11.33 23.01 3.62
CA HIS D 6 10.95 23.98 4.64
C HIS D 6 10.61 25.34 4.02
N ARG D 7 11.50 25.83 3.17
CA ARG D 7 11.36 27.12 2.53
C ARG D 7 10.13 27.16 1.62
N LEU D 8 9.96 26.12 0.82
CA LEU D 8 8.91 26.07 -0.20
C LEU D 8 7.51 25.96 0.39
N LEU D 9 7.43 25.48 1.62
CA LEU D 9 6.15 25.27 2.28
C LEU D 9 5.56 26.55 2.88
N GLN D 10 6.41 27.55 3.07
CA GLN D 10 5.97 28.80 3.69
C GLN D 10 6.11 29.99 2.76
N ASP D 11 6.45 29.72 1.50
CA ASP D 11 6.52 30.77 0.49
C ASP D 11 5.23 30.84 -0.33
#